data_2ASS
#
_entry.id   2ASS
#
_cell.length_a   149.332
_cell.length_b   149.332
_cell.length_c   99.916
_cell.angle_alpha   90.00
_cell.angle_beta   90.00
_cell.angle_gamma   120.00
#
_symmetry.space_group_name_H-M   'P 32 2 1'
#
loop_
_entity.id
_entity.type
_entity.pdbx_description
1 polymer 'S-phase kinase-associated protein 1A'
2 polymer 'S-phase kinase-associated protein 2'
3 polymer 'Cyclin-dependent kinases regulatory subunit 1'
4 non-polymer 'PHOSPHATE ION'
5 non-polymer BENZAMIDINE
6 water water
#
loop_
_entity_poly.entity_id
_entity_poly.type
_entity_poly.pdbx_seq_one_letter_code
_entity_poly.pdbx_strand_id
1 'polypeptide(L)'
;ASIKLQSSDGEIFEVDVEIAKQSVTIKTMLEDLGMDDEGDDDPVPLPNVNAAILKKVIQWCTHHKDDPPPPEDDENKEKR
TDDIPVWDQEFLKVDQGTLFELILAANYLDIKGLLDVTCKTVANMIKGKTPEEIRKTFNIKNDFTEEEEAQVRKENQWC
;
A
2 'polypeptide(L)'
;RENFPGVSWDSLPDELLLGIFSCLCLPELLKVSGVCKRWYRLASDESLWQTLDLTGKNLHPDVTGRLLSQGVIAFRCPRS
FMDQPLAEHFSPFRVQHMDLSNSVIEVSTLHGILSQCSKLQNLSLEGLRLSDPIVNTLAKNSNLVRLNLSGCSGFSEFAL
QTLLSSCSRLDELNLSWCFDFTEKHVQVAVAHVSETITQLNLSGYRKNLQKSDLSTLVRRCPNLVHLDLSDSVMLKNDCF
QEFFQLNYLQHLSLSRCYDIIPETLLELGEIPTLKTLQVFGIVPDGTLQLLKEALPHLQINCSHFTTIARPTIGNKKNQE
IWGIKCRLTLQKPSCL
;
B
3 'polypeptide(L)' QIYYSDKYDDEEFEYRHVMLPKDIAKLVPKTHLMSESEWRNLGVQQSQGWVHYMIHEPEPHILLFRRPL C
#
loop_
_chem_comp.id
_chem_comp.type
_chem_comp.name
_chem_comp.formula
BEN non-polymer BENZAMIDINE 'C7 H8 N2'
PO4 non-polymer 'PHOSPHATE ION' 'O4 P -3'
#
# COMPACT_ATOMS: atom_id res chain seq x y z
N ALA A 1 -26.09 -34.14 17.70
CA ALA A 1 -26.51 -34.44 16.30
C ALA A 1 -27.69 -33.58 15.89
N SER A 2 -28.53 -33.20 16.85
CA SER A 2 -29.69 -32.36 16.51
C SER A 2 -30.21 -31.44 17.62
N ILE A 3 -30.72 -30.28 17.21
CA ILE A 3 -31.26 -29.25 18.10
C ILE A 3 -32.56 -28.67 17.54
N LYS A 4 -33.37 -28.05 18.40
CA LYS A 4 -34.64 -27.45 17.98
C LYS A 4 -34.70 -25.93 18.20
N LEU A 5 -35.13 -25.21 17.17
CA LEU A 5 -35.22 -23.77 17.24
C LEU A 5 -36.69 -23.37 17.15
N GLN A 6 -37.10 -22.41 17.98
CA GLN A 6 -38.48 -21.94 17.97
C GLN A 6 -38.53 -20.55 17.39
N SER A 7 -39.20 -20.41 16.26
CA SER A 7 -39.32 -19.11 15.59
C SER A 7 -40.12 -18.13 16.44
N SER A 8 -40.21 -16.90 15.96
CA SER A 8 -40.93 -15.82 16.64
C SER A 8 -42.40 -16.10 16.90
N ASP A 9 -43.08 -16.66 15.90
CA ASP A 9 -44.50 -16.97 16.01
C ASP A 9 -44.80 -18.32 16.67
N GLY A 10 -43.75 -19.04 17.07
CA GLY A 10 -43.96 -20.32 17.73
C GLY A 10 -43.48 -21.55 17.00
N GLU A 11 -43.69 -21.59 15.68
CA GLU A 11 -43.27 -22.74 14.87
C GLU A 11 -41.92 -23.29 15.27
N ILE A 12 -41.83 -24.61 15.38
CA ILE A 12 -40.58 -25.23 15.77
C ILE A 12 -39.90 -26.04 14.67
N PHE A 13 -38.60 -25.80 14.49
CA PHE A 13 -37.82 -26.49 13.47
C PHE A 13 -36.73 -27.34 14.11
N GLU A 14 -36.30 -28.35 13.38
CA GLU A 14 -35.25 -29.24 13.86
C GLU A 14 -34.13 -29.22 12.82
N VAL A 15 -32.89 -28.99 13.28
CA VAL A 15 -31.74 -28.93 12.39
C VAL A 15 -30.49 -29.57 13.01
N ASP A 16 -29.44 -29.75 12.20
CA ASP A 16 -28.20 -30.32 12.73
C ASP A 16 -27.60 -29.32 13.71
N VAL A 17 -26.95 -29.83 14.75
CA VAL A 17 -26.32 -28.97 15.75
C VAL A 17 -25.31 -28.00 15.15
N GLU A 18 -24.52 -28.46 14.18
CA GLU A 18 -23.53 -27.60 13.58
C GLU A 18 -24.06 -26.72 12.46
N ILE A 19 -25.13 -27.15 11.81
CA ILE A 19 -25.70 -26.33 10.75
C ILE A 19 -26.27 -25.08 11.42
N ALA A 20 -26.75 -25.24 12.64
CA ALA A 20 -27.31 -24.11 13.37
C ALA A 20 -26.13 -23.36 13.98
N LYS A 21 -25.03 -24.08 14.15
CA LYS A 21 -23.80 -23.55 14.71
C LYS A 21 -23.27 -22.39 13.85
N GLN A 22 -23.76 -22.30 12.61
CA GLN A 22 -23.38 -21.24 11.67
C GLN A 22 -23.90 -19.90 12.15
N SER A 23 -24.82 -19.92 13.10
CA SER A 23 -25.36 -18.69 13.64
C SER A 23 -24.63 -18.42 14.93
N VAL A 24 -23.78 -17.40 14.94
CA VAL A 24 -23.06 -17.10 16.16
C VAL A 24 -24.07 -16.79 17.26
N THR A 25 -25.24 -16.28 16.86
CA THR A 25 -26.27 -15.98 17.84
C THR A 25 -26.79 -17.27 18.47
N ILE A 26 -26.97 -18.30 17.66
CA ILE A 26 -27.46 -19.57 18.18
C ILE A 26 -26.37 -20.32 18.93
N LYS A 27 -25.10 -20.07 18.60
CA LYS A 27 -24.04 -20.77 19.31
C LYS A 27 -23.86 -20.12 20.68
N THR A 28 -23.91 -18.79 20.72
CA THR A 28 -23.78 -18.08 21.97
C THR A 28 -24.84 -18.59 22.94
N MET A 29 -26.08 -18.68 22.44
CA MET A 29 -27.20 -19.16 23.25
C MET A 29 -27.07 -20.61 23.72
N LEU A 30 -26.58 -21.47 22.85
CA LEU A 30 -26.44 -22.88 23.21
C LEU A 30 -25.46 -23.18 24.33
N GLU A 31 -24.34 -22.46 24.41
CA GLU A 31 -23.35 -22.75 25.45
C GLU A 31 -23.90 -22.68 26.87
N ASP A 32 -24.81 -21.74 27.13
CA ASP A 32 -25.44 -21.63 28.45
C ASP A 32 -26.95 -21.73 28.24
N LEU A 33 -27.72 -21.73 29.33
CA LEU A 33 -29.18 -21.86 29.21
C LEU A 33 -29.48 -22.96 28.19
N GLY A 34 -29.41 -24.22 28.59
CA GLY A 34 -29.66 -25.27 27.63
C GLY A 34 -30.73 -26.32 27.85
N MET A 35 -31.64 -26.40 26.88
CA MET A 35 -32.73 -27.38 26.80
C MET A 35 -33.80 -26.91 25.82
N ASP A 36 -34.05 -27.75 24.82
CA ASP A 36 -35.05 -27.41 23.85
C ASP A 36 -36.40 -27.39 24.51
N PRO A 43 -37.24 -25.51 23.06
CA PRO A 43 -36.11 -25.40 22.13
C PRO A 43 -35.48 -24.02 22.16
N VAL A 44 -34.47 -23.79 21.34
CA VAL A 44 -33.82 -22.49 21.31
C VAL A 44 -34.81 -21.49 20.74
N PRO A 45 -35.14 -20.43 21.50
CA PRO A 45 -36.09 -19.45 20.98
C PRO A 45 -35.44 -18.26 20.27
N LEU A 46 -35.90 -18.00 19.05
CA LEU A 46 -35.39 -16.90 18.23
C LEU A 46 -36.60 -15.98 17.99
N PRO A 47 -36.90 -15.10 18.96
CA PRO A 47 -38.03 -14.15 18.88
C PRO A 47 -38.06 -13.20 17.71
N ASN A 48 -36.91 -13.00 17.08
CA ASN A 48 -36.85 -12.05 15.98
C ASN A 48 -36.89 -12.61 14.59
N VAL A 49 -37.22 -13.89 14.43
CA VAL A 49 -37.27 -14.46 13.10
C VAL A 49 -38.49 -15.31 12.99
N ASN A 50 -39.43 -14.94 12.12
CA ASN A 50 -40.65 -15.72 11.94
C ASN A 50 -40.34 -17.04 11.20
N ALA A 51 -41.32 -17.93 11.18
CA ALA A 51 -41.15 -19.22 10.54
C ALA A 51 -40.78 -19.15 9.06
N ALA A 52 -41.42 -18.26 8.33
CA ALA A 52 -41.13 -18.13 6.90
C ALA A 52 -39.64 -17.86 6.68
N ILE A 53 -39.16 -16.78 7.28
CA ILE A 53 -37.77 -16.37 7.17
C ILE A 53 -36.80 -17.42 7.71
N LEU A 54 -37.11 -17.99 8.88
CA LEU A 54 -36.26 -18.99 9.50
C LEU A 54 -36.10 -20.22 8.59
N LYS A 55 -37.15 -20.51 7.83
CA LYS A 55 -37.12 -21.66 6.92
C LYS A 55 -36.05 -21.42 5.87
N LYS A 56 -36.13 -20.24 5.24
CA LYS A 56 -35.15 -19.86 4.22
C LYS A 56 -33.75 -19.89 4.82
N VAL A 57 -33.59 -19.29 6.01
CA VAL A 57 -32.30 -19.26 6.67
C VAL A 57 -31.76 -20.66 6.86
N ILE A 58 -32.61 -21.58 7.31
CA ILE A 58 -32.17 -22.96 7.53
C ILE A 58 -31.88 -23.68 6.24
N GLN A 59 -32.56 -23.28 5.17
CA GLN A 59 -32.33 -23.90 3.89
C GLN A 59 -30.95 -23.43 3.44
N TRP A 60 -30.72 -22.12 3.55
CA TRP A 60 -29.44 -21.54 3.17
C TRP A 60 -28.32 -22.22 3.93
N CYS A 61 -28.33 -22.06 5.24
CA CYS A 61 -27.29 -22.65 6.09
C CYS A 61 -27.00 -24.09 5.80
N THR A 62 -28.02 -24.81 5.33
CA THR A 62 -27.87 -26.22 5.03
C THR A 62 -27.07 -26.46 3.75
N HIS A 63 -27.31 -25.66 2.71
CA HIS A 63 -26.61 -25.80 1.44
C HIS A 63 -25.11 -25.62 1.61
N HIS A 64 -24.73 -24.58 2.36
CA HIS A 64 -23.31 -24.37 2.69
C HIS A 64 -23.49 -25.42 3.80
N LYS A 65 -22.35 -25.57 4.49
CA LYS A 65 -22.26 -26.21 5.74
C LYS A 65 -20.76 -26.15 5.92
N ASP A 66 -20.36 -26.68 4.80
CA ASP A 66 -19.02 -26.98 4.57
C ASP A 66 -18.64 -26.61 3.16
N ASP A 67 -17.80 -25.58 3.08
CA ASP A 67 -17.32 -25.09 1.79
C ASP A 67 -15.91 -24.49 1.83
N PRO A 68 -15.16 -24.66 0.74
CA PRO A 68 -13.79 -24.17 0.56
C PRO A 68 -13.69 -22.69 0.18
N PRO A 69 -14.78 -22.13 -0.32
CA PRO A 69 -14.80 -20.73 -0.72
C PRO A 69 -15.03 -19.76 0.42
N ARG A 80 -12.92 -15.78 -1.42
CA ARG A 80 -12.44 -14.90 -2.47
C ARG A 80 -13.05 -13.51 -2.38
N THR A 81 -12.99 -12.77 -3.50
CA THR A 81 -13.54 -11.42 -3.56
C THR A 81 -15.07 -11.50 -3.69
N ASP A 82 -15.71 -10.35 -3.83
CA ASP A 82 -17.16 -10.28 -3.95
C ASP A 82 -17.65 -10.94 -5.25
N ASP A 83 -18.49 -11.96 -5.12
CA ASP A 83 -19.01 -12.67 -6.29
C ASP A 83 -20.49 -13.02 -6.25
N ILE A 84 -20.92 -13.64 -5.15
CA ILE A 84 -22.30 -14.09 -4.98
C ILE A 84 -22.37 -15.42 -5.72
N PRO A 85 -21.83 -16.49 -5.12
CA PRO A 85 -21.83 -17.82 -5.73
C PRO A 85 -23.03 -18.09 -6.63
N VAL A 86 -22.81 -18.91 -7.66
CA VAL A 86 -23.84 -19.26 -8.62
C VAL A 86 -25.16 -19.72 -7.98
N TRP A 87 -25.06 -20.43 -6.86
CA TRP A 87 -26.25 -20.94 -6.16
C TRP A 87 -27.02 -19.83 -5.43
N ASP A 88 -26.37 -19.18 -4.47
CA ASP A 88 -27.01 -18.10 -3.71
C ASP A 88 -27.63 -17.11 -4.69
N GLN A 89 -27.00 -17.01 -5.86
CA GLN A 89 -27.46 -16.12 -6.94
C GLN A 89 -28.97 -16.08 -7.03
N GLU A 90 -29.54 -17.22 -7.43
CA GLU A 90 -30.99 -17.33 -7.59
C GLU A 90 -31.74 -17.53 -6.28
N PHE A 91 -31.07 -18.06 -5.26
CA PHE A 91 -31.71 -18.28 -3.97
C PHE A 91 -32.31 -16.97 -3.45
N LEU A 92 -31.65 -15.86 -3.77
CA LEU A 92 -32.11 -14.56 -3.34
C LEU A 92 -33.04 -13.91 -4.36
N LYS A 93 -33.33 -14.64 -5.44
CA LYS A 93 -34.23 -14.13 -6.48
C LYS A 93 -35.63 -13.87 -5.92
N VAL A 94 -35.74 -13.89 -4.59
CA VAL A 94 -37.01 -13.63 -3.92
C VAL A 94 -37.37 -12.17 -4.08
N ASP A 95 -38.65 -11.83 -3.90
CA ASP A 95 -39.06 -10.45 -4.04
C ASP A 95 -38.40 -9.57 -2.99
N GLN A 96 -38.45 -8.26 -3.21
CA GLN A 96 -37.84 -7.27 -2.32
C GLN A 96 -38.31 -7.32 -0.87
N GLY A 97 -39.57 -7.64 -0.66
CA GLY A 97 -40.08 -7.70 0.70
C GLY A 97 -39.34 -8.71 1.56
N THR A 98 -39.35 -9.96 1.13
CA THR A 98 -38.69 -11.05 1.85
C THR A 98 -37.18 -10.83 2.01
N LEU A 99 -36.54 -10.23 1.01
CA LEU A 99 -35.09 -9.96 1.05
C LEU A 99 -34.78 -8.99 2.17
N PHE A 100 -35.74 -8.12 2.48
CA PHE A 100 -35.55 -7.13 3.52
C PHE A 100 -35.42 -7.79 4.89
N GLU A 101 -36.22 -8.83 5.11
CA GLU A 101 -36.20 -9.55 6.39
C GLU A 101 -35.06 -10.55 6.38
N LEU A 102 -34.87 -11.17 5.21
CA LEU A 102 -33.83 -12.16 5.02
C LEU A 102 -32.47 -11.54 5.36
N ILE A 103 -32.30 -10.25 5.07
CA ILE A 103 -31.03 -9.56 5.35
C ILE A 103 -31.02 -9.08 6.79
N LEU A 104 -32.19 -8.96 7.37
CA LEU A 104 -32.32 -8.50 8.74
C LEU A 104 -32.09 -9.69 9.68
N ALA A 105 -32.57 -10.85 9.24
CA ALA A 105 -32.43 -12.07 9.99
C ALA A 105 -30.98 -12.46 10.09
N ALA A 106 -30.25 -12.30 8.99
CA ALA A 106 -28.82 -12.63 8.94
C ALA A 106 -28.06 -11.82 9.97
N ASN A 107 -28.42 -10.55 10.12
CA ASN A 107 -27.78 -9.73 11.10
C ASN A 107 -28.14 -10.32 12.47
N TYR A 108 -29.43 -10.56 12.68
CA TYR A 108 -29.92 -11.10 13.96
C TYR A 108 -29.33 -12.42 14.42
N LEU A 109 -29.22 -13.37 13.51
CA LEU A 109 -28.68 -14.68 13.83
C LEU A 109 -27.17 -14.70 13.68
N ASP A 110 -26.61 -13.60 13.15
CA ASP A 110 -25.17 -13.47 12.94
C ASP A 110 -24.60 -14.68 12.19
N ILE A 111 -24.92 -14.75 10.90
CA ILE A 111 -24.45 -15.80 10.01
C ILE A 111 -23.61 -15.06 8.96
N LYS A 112 -22.30 -15.04 9.18
CA LYS A 112 -21.37 -14.35 8.29
C LYS A 112 -21.70 -14.52 6.82
N GLY A 113 -21.75 -15.77 6.38
CA GLY A 113 -22.05 -16.05 4.99
C GLY A 113 -23.28 -15.34 4.44
N LEU A 114 -24.38 -15.39 5.19
CA LEU A 114 -25.64 -14.78 4.76
C LEU A 114 -25.54 -13.26 4.64
N LEU A 115 -25.13 -12.62 5.72
CA LEU A 115 -24.97 -11.17 5.68
C LEU A 115 -24.20 -10.79 4.42
N ASP A 116 -23.19 -11.60 4.08
CA ASP A 116 -22.38 -11.28 2.90
C ASP A 116 -23.19 -11.28 1.63
N VAL A 117 -23.72 -12.43 1.28
CA VAL A 117 -24.48 -12.51 0.05
C VAL A 117 -25.70 -11.59 -0.01
N THR A 118 -26.37 -11.35 1.11
CA THR A 118 -27.54 -10.49 1.05
C THR A 118 -27.17 -9.02 0.94
N CYS A 119 -26.04 -8.61 1.52
CA CYS A 119 -25.64 -7.22 1.42
C CYS A 119 -25.18 -6.86 0.01
N LYS A 120 -24.53 -7.80 -0.66
CA LYS A 120 -24.05 -7.56 -2.02
C LYS A 120 -25.23 -7.42 -2.96
N THR A 121 -26.23 -8.27 -2.79
CA THR A 121 -27.40 -8.22 -3.65
C THR A 121 -28.04 -6.86 -3.52
N VAL A 122 -28.05 -6.31 -2.31
CA VAL A 122 -28.63 -5.00 -2.12
C VAL A 122 -27.69 -3.96 -2.73
N ALA A 123 -26.40 -4.25 -2.69
CA ALA A 123 -25.42 -3.35 -3.26
C ALA A 123 -25.61 -3.32 -4.76
N ASN A 124 -25.70 -4.52 -5.36
CA ASN A 124 -25.91 -4.64 -6.79
C ASN A 124 -27.14 -3.88 -7.27
N MET A 125 -28.05 -3.60 -6.35
CA MET A 125 -29.25 -2.86 -6.72
C MET A 125 -28.96 -1.36 -6.72
N ILE A 126 -27.76 -0.98 -6.31
CA ILE A 126 -27.38 0.43 -6.28
C ILE A 126 -26.39 0.75 -7.39
N LYS A 127 -25.66 -0.26 -7.83
CA LYS A 127 -24.68 -0.09 -8.89
C LYS A 127 -25.29 0.46 -10.16
N GLY A 128 -24.60 1.42 -10.77
CA GLY A 128 -25.06 2.02 -12.01
C GLY A 128 -26.40 2.70 -12.02
N LYS A 129 -26.95 2.95 -10.84
CA LYS A 129 -28.24 3.61 -10.75
C LYS A 129 -28.10 4.97 -10.09
N THR A 130 -28.76 5.98 -10.66
CA THR A 130 -28.70 7.34 -10.13
C THR A 130 -29.34 7.45 -8.76
N PRO A 131 -29.05 8.54 -8.03
CA PRO A 131 -29.64 8.73 -6.70
C PRO A 131 -31.16 8.79 -6.79
N GLU A 132 -31.65 9.33 -7.90
CA GLU A 132 -33.09 9.44 -8.13
C GLU A 132 -33.67 8.03 -8.14
N GLU A 133 -33.19 7.23 -9.08
CA GLU A 133 -33.63 5.85 -9.22
C GLU A 133 -33.49 5.07 -7.91
N ILE A 134 -32.59 5.52 -7.03
CA ILE A 134 -32.38 4.87 -5.73
C ILE A 134 -33.54 5.23 -4.79
N ARG A 135 -33.82 6.53 -4.69
CA ARG A 135 -34.89 7.02 -3.85
C ARG A 135 -36.16 6.20 -4.07
N LYS A 136 -36.55 6.03 -5.33
CA LYS A 136 -37.75 5.29 -5.68
C LYS A 136 -37.62 3.78 -5.46
N THR A 137 -36.95 3.10 -6.38
CA THR A 137 -36.78 1.66 -6.31
C THR A 137 -36.40 1.09 -4.94
N PHE A 138 -35.95 1.95 -4.01
CA PHE A 138 -35.61 1.47 -2.67
C PHE A 138 -36.48 2.12 -1.62
N ASN A 139 -37.39 2.98 -2.09
CA ASN A 139 -38.34 3.67 -1.23
C ASN A 139 -37.68 4.40 -0.05
N ILE A 140 -36.88 5.40 -0.37
CA ILE A 140 -36.17 6.19 0.63
C ILE A 140 -36.62 7.65 0.45
N LYS A 141 -36.52 8.45 1.51
CA LYS A 141 -36.93 9.85 1.43
C LYS A 141 -35.96 10.71 0.62
N ASN A 142 -35.78 11.95 1.07
CA ASN A 142 -34.87 12.88 0.41
C ASN A 142 -34.89 14.24 1.10
N ASP A 143 -34.49 14.27 2.36
CA ASP A 143 -34.48 15.51 3.12
C ASP A 143 -33.37 16.49 2.73
N PHE A 144 -32.94 16.41 1.47
CA PHE A 144 -31.89 17.31 0.97
C PHE A 144 -32.54 18.52 0.32
N THR A 145 -32.03 19.71 0.60
CA THR A 145 -32.55 20.94 0.00
C THR A 145 -32.09 20.90 -1.45
N GLU A 146 -31.72 22.05 -1.97
CA GLU A 146 -31.14 22.16 -3.30
C GLU A 146 -29.88 22.87 -2.84
N GLU A 147 -29.96 23.32 -1.59
CA GLU A 147 -28.90 24.03 -0.87
C GLU A 147 -27.73 23.12 -0.52
N GLU A 148 -28.04 21.85 -0.23
CA GLU A 148 -27.02 20.85 0.09
C GLU A 148 -26.97 19.83 -1.05
N GLU A 149 -28.14 19.41 -1.54
CA GLU A 149 -28.23 18.48 -2.68
C GLU A 149 -27.02 18.70 -3.59
N ALA A 150 -26.94 19.92 -4.10
CA ALA A 150 -25.87 20.36 -5.00
C ALA A 150 -24.59 20.72 -4.24
N GLN A 151 -24.71 21.12 -2.98
CA GLN A 151 -23.56 21.48 -2.15
C GLN A 151 -22.74 20.22 -1.79
N VAL A 152 -23.44 19.09 -1.72
CA VAL A 152 -22.81 17.80 -1.43
C VAL A 152 -22.15 17.30 -2.70
N ARG A 153 -22.80 17.54 -3.83
CA ARG A 153 -22.26 17.11 -5.11
C ARG A 153 -20.97 17.87 -5.46
N LYS A 154 -20.69 18.94 -4.72
CA LYS A 154 -19.49 19.72 -4.97
C LYS A 154 -18.31 19.18 -4.15
N GLU A 155 -18.60 18.42 -3.12
CA GLU A 155 -17.56 17.84 -2.26
C GLU A 155 -17.11 16.52 -2.83
N ASN A 156 -17.91 15.98 -3.74
CA ASN A 156 -17.58 14.71 -4.37
C ASN A 156 -17.20 15.01 -5.81
N GLN A 157 -16.81 16.26 -6.01
CA GLN A 157 -16.40 16.77 -7.31
C GLN A 157 -15.14 16.11 -7.83
N TRP A 158 -14.16 15.93 -6.94
CA TRP A 158 -12.86 15.34 -7.28
C TRP A 158 -12.94 13.96 -7.92
N CYS A 159 -14.13 13.48 -8.20
CA CYS A 159 -14.27 12.17 -8.83
C CYS A 159 -14.88 12.28 -10.23
N VAL B 7 -41.46 -3.69 4.63
CA VAL B 7 -41.36 -3.60 3.14
C VAL B 7 -40.32 -2.56 2.71
N SER B 8 -40.36 -1.38 3.32
CA SER B 8 -39.43 -0.28 3.02
C SER B 8 -38.03 -0.60 3.54
N TRP B 9 -37.02 -0.19 2.79
CA TRP B 9 -35.63 -0.47 3.18
C TRP B 9 -35.03 0.51 4.18
N ASP B 10 -35.66 1.66 4.35
CA ASP B 10 -35.13 2.60 5.32
C ASP B 10 -35.50 2.01 6.67
N SER B 11 -34.91 2.57 7.73
CA SER B 11 -35.15 2.11 9.09
C SER B 11 -34.17 0.96 9.34
N LEU B 12 -33.59 0.47 8.26
CA LEU B 12 -32.61 -0.60 8.30
C LEU B 12 -31.48 -0.15 9.25
N PRO B 13 -31.06 -1.03 10.15
CA PRO B 13 -30.00 -0.70 11.12
C PRO B 13 -28.73 -0.18 10.49
N ASP B 14 -28.13 0.84 11.12
CA ASP B 14 -26.90 1.46 10.64
C ASP B 14 -25.84 0.45 10.23
N GLU B 15 -25.46 -0.40 11.18
CA GLU B 15 -24.45 -1.40 10.92
C GLU B 15 -24.71 -2.08 9.58
N LEU B 16 -25.90 -2.65 9.43
CA LEU B 16 -26.25 -3.34 8.20
C LEU B 16 -26.11 -2.45 6.96
N LEU B 17 -26.36 -1.15 7.11
CA LEU B 17 -26.22 -0.25 5.97
C LEU B 17 -24.75 -0.20 5.55
N LEU B 18 -23.87 0.05 6.53
CA LEU B 18 -22.43 0.10 6.28
C LEU B 18 -22.04 -1.19 5.58
N GLY B 19 -22.64 -2.29 6.04
CA GLY B 19 -22.35 -3.58 5.43
C GLY B 19 -22.69 -3.54 3.96
N ILE B 20 -23.77 -2.83 3.60
CA ILE B 20 -24.14 -2.74 2.20
C ILE B 20 -23.18 -1.78 1.53
N PHE B 21 -22.95 -0.64 2.16
CA PHE B 21 -22.04 0.37 1.63
C PHE B 21 -20.64 -0.17 1.34
N SER B 22 -20.17 -1.09 2.18
CA SER B 22 -18.83 -1.64 2.02
C SER B 22 -18.65 -2.53 0.81
N CYS B 23 -19.68 -2.67 -0.01
CA CYS B 23 -19.56 -3.50 -1.20
C CYS B 23 -19.43 -2.61 -2.42
N LEU B 24 -19.67 -1.31 -2.20
CA LEU B 24 -19.60 -0.32 -3.26
C LEU B 24 -18.19 0.19 -3.58
N CYS B 25 -17.94 0.47 -4.86
CA CYS B 25 -16.66 1.01 -5.31
C CYS B 25 -16.67 2.52 -5.02
N LEU B 26 -15.48 3.09 -4.80
CA LEU B 26 -15.35 4.52 -4.47
C LEU B 26 -16.38 5.43 -5.16
N PRO B 27 -16.57 5.26 -6.48
CA PRO B 27 -17.54 6.11 -7.16
C PRO B 27 -18.97 5.88 -6.63
N GLU B 28 -19.42 4.63 -6.61
CA GLU B 28 -20.74 4.31 -6.09
C GLU B 28 -20.88 4.88 -4.67
N LEU B 29 -19.95 4.52 -3.79
CA LEU B 29 -19.99 5.02 -2.43
C LEU B 29 -20.22 6.52 -2.38
N LEU B 30 -19.48 7.27 -3.18
CA LEU B 30 -19.66 8.71 -3.20
C LEU B 30 -21.06 9.04 -3.73
N LYS B 31 -21.57 8.19 -4.62
CA LYS B 31 -22.91 8.40 -5.19
C LYS B 31 -24.01 8.30 -4.12
N VAL B 32 -24.10 7.15 -3.47
CA VAL B 32 -25.11 6.95 -2.44
C VAL B 32 -24.94 7.99 -1.34
N SER B 33 -23.87 8.76 -1.40
CA SER B 33 -23.62 9.78 -0.40
C SER B 33 -24.67 10.87 -0.49
N GLY B 34 -25.28 11.00 -1.66
CA GLY B 34 -26.30 12.02 -1.88
C GLY B 34 -27.68 11.44 -2.10
N VAL B 35 -28.13 10.68 -1.11
CA VAL B 35 -29.45 10.06 -1.15
C VAL B 35 -30.24 10.59 0.02
N CYS B 36 -29.70 10.54 1.21
CA CYS B 36 -30.47 11.09 2.30
C CYS B 36 -29.47 11.48 3.34
N LYS B 37 -29.59 12.65 3.94
CA LYS B 37 -28.62 12.96 4.95
C LYS B 37 -28.84 11.81 6.01
N ARG B 38 -27.77 11.13 6.40
CA ARG B 38 -27.64 10.20 7.49
C ARG B 38 -26.55 9.53 6.85
N TRP B 39 -27.15 8.93 5.66
CA TRP B 39 -26.90 7.86 4.16
C TRP B 39 -25.64 8.59 3.73
N TYR B 40 -25.64 9.91 3.90
CA TYR B 40 -24.48 10.72 3.55
C TYR B 40 -23.55 10.63 4.74
N ARG B 41 -24.13 10.65 5.93
CA ARG B 41 -23.37 10.58 7.16
C ARG B 41 -22.61 9.26 7.30
N LEU B 42 -23.23 8.18 6.84
CA LEU B 42 -22.62 6.85 6.92
C LEU B 42 -21.63 6.65 5.80
N ALA B 43 -21.94 7.20 4.63
CA ALA B 43 -21.09 7.07 3.45
C ALA B 43 -19.68 7.59 3.71
N SER B 44 -19.52 8.36 4.77
CA SER B 44 -18.22 8.91 5.13
C SER B 44 -17.84 8.38 6.48
N ASP B 45 -18.27 7.16 6.78
CA ASP B 45 -18.00 6.56 8.09
C ASP B 45 -16.52 6.56 8.45
N GLU B 46 -15.94 5.38 8.56
CA GLU B 46 -14.55 5.27 8.90
C GLU B 46 -14.14 3.84 8.68
N SER B 47 -15.12 2.96 8.84
CA SER B 47 -14.92 1.55 8.63
C SER B 47 -14.81 1.36 7.12
N LEU B 48 -15.43 2.27 6.39
CA LEU B 48 -15.43 2.24 4.94
C LEU B 48 -14.15 2.85 4.35
N TRP B 49 -13.52 3.77 5.07
CA TRP B 49 -12.31 4.42 4.57
C TRP B 49 -10.99 3.89 5.14
N GLN B 50 -11.01 2.64 5.59
CA GLN B 50 -9.82 2.02 6.15
C GLN B 50 -8.63 2.07 5.18
N THR B 51 -8.85 1.63 3.95
CA THR B 51 -7.81 1.63 2.92
C THR B 51 -8.28 2.37 1.67
N LEU B 52 -7.45 3.28 1.19
CA LEU B 52 -7.77 4.10 0.04
C LEU B 52 -6.61 4.11 -0.95
N ASP B 53 -6.96 4.03 -2.22
CA ASP B 53 -5.96 4.02 -3.27
C ASP B 53 -6.29 5.00 -4.39
N LEU B 54 -5.51 6.08 -4.46
CA LEU B 54 -5.73 7.08 -5.50
C LEU B 54 -4.46 7.27 -6.33
N THR B 55 -3.69 6.21 -6.56
CA THR B 55 -2.46 6.40 -7.29
C THR B 55 -2.74 7.00 -8.68
N GLY B 56 -1.93 7.99 -9.04
CA GLY B 56 -2.06 8.64 -10.33
C GLY B 56 -3.13 9.69 -10.40
N LYS B 57 -3.85 9.90 -9.30
CA LYS B 57 -4.92 10.88 -9.28
C LYS B 57 -4.39 12.30 -9.19
N ASN B 58 -5.11 13.21 -9.81
CA ASN B 58 -4.74 14.61 -9.79
C ASN B 58 -5.89 15.24 -9.03
N LEU B 59 -5.62 15.69 -7.82
CA LEU B 59 -6.65 16.31 -7.01
C LEU B 59 -6.08 17.44 -6.16
N HIS B 60 -6.95 18.10 -5.42
CA HIS B 60 -6.52 19.21 -4.58
C HIS B 60 -6.15 18.71 -3.19
N PRO B 61 -5.00 19.17 -2.66
CA PRO B 61 -4.56 18.76 -1.32
C PRO B 61 -5.67 18.83 -0.26
N ASP B 62 -6.58 19.79 -0.39
CA ASP B 62 -7.66 19.91 0.57
C ASP B 62 -8.50 18.63 0.54
N VAL B 63 -8.73 18.11 -0.66
CA VAL B 63 -9.53 16.90 -0.76
C VAL B 63 -8.79 15.74 -0.12
N THR B 64 -7.55 15.53 -0.54
CA THR B 64 -6.78 14.43 0.01
C THR B 64 -6.67 14.60 1.52
N GLY B 65 -6.59 15.85 1.98
CA GLY B 65 -6.53 16.08 3.42
C GLY B 65 -7.82 15.65 4.10
N ARG B 66 -8.95 16.04 3.49
CA ARG B 66 -10.28 15.73 4.00
C ARG B 66 -10.49 14.23 3.99
N LEU B 67 -9.95 13.57 2.97
CA LEU B 67 -10.10 12.13 2.89
C LEU B 67 -9.32 11.44 3.99
N LEU B 68 -8.09 11.86 4.25
CA LEU B 68 -7.30 11.19 5.28
C LEU B 68 -7.98 11.38 6.63
N SER B 69 -8.73 12.48 6.77
CA SER B 69 -9.41 12.76 8.04
C SER B 69 -10.63 11.88 8.28
N GLN B 70 -11.03 11.12 7.26
CA GLN B 70 -12.17 10.24 7.43
C GLN B 70 -11.70 8.93 8.05
N GLY B 71 -10.46 8.92 8.52
CA GLY B 71 -9.91 7.74 9.19
C GLY B 71 -9.05 6.76 8.40
N VAL B 72 -8.56 7.17 7.23
CA VAL B 72 -7.74 6.29 6.39
C VAL B 72 -6.53 5.68 7.12
N ILE B 73 -6.29 4.40 6.92
CA ILE B 73 -5.16 3.74 7.58
C ILE B 73 -4.02 3.43 6.60
N ALA B 74 -4.36 3.00 5.40
CA ALA B 74 -3.36 2.70 4.39
C ALA B 74 -3.74 3.55 3.18
N PHE B 75 -2.93 4.57 2.91
CA PHE B 75 -3.18 5.48 1.80
C PHE B 75 -2.16 5.26 0.69
N ARG B 76 -2.62 4.70 -0.42
CA ARG B 76 -1.76 4.45 -1.57
C ARG B 76 -2.00 5.57 -2.57
N CYS B 77 -1.04 6.49 -2.68
CA CYS B 77 -1.24 7.61 -3.57
C CYS B 77 0.04 8.04 -4.29
N PRO B 78 0.73 7.08 -4.95
CA PRO B 78 1.96 7.43 -5.66
C PRO B 78 1.70 7.94 -7.07
N ARG B 79 2.66 8.70 -7.60
CA ARG B 79 2.55 9.22 -8.94
C ARG B 79 1.28 10.02 -9.14
N SER B 80 0.91 10.76 -8.09
CA SER B 80 -0.29 11.57 -8.11
C SER B 80 0.05 13.02 -8.33
N PHE B 81 -0.99 13.85 -8.53
CA PHE B 81 -0.84 15.29 -8.74
C PHE B 81 -1.61 16.08 -7.70
N MET B 82 -0.87 16.78 -6.84
CA MET B 82 -1.45 17.60 -5.78
C MET B 82 -0.64 18.89 -5.67
N ASP B 83 -0.50 19.65 -6.76
CA ASP B 83 0.33 20.84 -6.60
C ASP B 83 -0.33 22.22 -6.57
N GLN B 84 -1.24 22.37 -5.63
CA GLN B 84 -1.93 23.62 -5.35
C GLN B 84 -1.63 23.81 -3.88
N PRO B 85 -1.90 24.99 -3.33
CA PRO B 85 -1.59 25.16 -1.90
C PRO B 85 -2.70 24.68 -1.00
N LEU B 86 -2.32 24.15 0.17
CA LEU B 86 -3.31 23.70 1.14
C LEU B 86 -4.03 24.95 1.61
N ALA B 87 -5.36 24.88 1.60
CA ALA B 87 -6.15 26.01 2.02
C ALA B 87 -6.79 25.75 3.39
N GLU B 88 -7.01 24.47 3.70
CA GLU B 88 -7.62 24.08 4.97
C GLU B 88 -6.66 23.70 6.08
N HIS B 89 -7.23 23.46 7.25
CA HIS B 89 -6.46 23.06 8.42
C HIS B 89 -7.05 21.73 8.83
N PHE B 90 -6.21 20.82 9.33
CA PHE B 90 -6.68 19.50 9.73
C PHE B 90 -6.22 19.11 11.13
N SER B 91 -6.72 17.96 11.59
CA SER B 91 -6.36 17.43 12.90
C SER B 91 -5.56 16.18 12.65
N PRO B 92 -4.84 15.70 13.67
CA PRO B 92 -4.03 14.51 13.52
C PRO B 92 -4.74 13.44 12.67
N PHE B 93 -3.98 12.75 11.80
CA PHE B 93 -4.52 11.70 10.94
C PHE B 93 -4.22 10.35 11.54
N ARG B 94 -4.91 9.35 11.02
CA ARG B 94 -4.74 7.98 11.48
C ARG B 94 -3.74 7.19 10.65
N VAL B 95 -3.52 7.57 9.39
CA VAL B 95 -2.60 6.84 8.53
C VAL B 95 -1.37 6.22 9.18
N GLN B 96 -1.20 4.93 8.91
CA GLN B 96 -0.08 4.15 9.41
C GLN B 96 0.72 3.61 8.21
N HIS B 97 0.12 3.64 7.03
CA HIS B 97 0.76 3.17 5.81
C HIS B 97 0.49 4.13 4.65
N MET B 98 1.54 4.78 4.19
CA MET B 98 1.40 5.74 3.11
C MET B 98 2.57 5.78 2.12
N ASP B 99 2.22 6.00 0.85
CA ASP B 99 3.15 6.08 -0.27
C ASP B 99 2.72 7.24 -1.17
N LEU B 100 3.54 8.27 -1.23
CA LEU B 100 3.27 9.45 -2.04
C LEU B 100 4.40 9.57 -3.04
N SER B 101 5.23 8.52 -3.13
CA SER B 101 6.40 8.54 -4.01
C SER B 101 6.17 9.00 -5.43
N ASN B 102 7.17 9.70 -5.97
CA ASN B 102 7.17 10.20 -7.34
C ASN B 102 5.91 11.00 -7.72
N SER B 103 5.40 11.76 -6.76
CA SER B 103 4.23 12.59 -6.97
C SER B 103 4.69 14.02 -7.23
N VAL B 104 3.74 14.91 -7.51
CA VAL B 104 4.06 16.31 -7.75
C VAL B 104 3.33 16.99 -6.60
N ILE B 105 4.06 17.28 -5.52
CA ILE B 105 3.49 17.92 -4.34
C ILE B 105 4.37 19.07 -3.85
N GLU B 106 3.74 20.22 -3.60
CA GLU B 106 4.45 21.40 -3.11
C GLU B 106 5.06 21.11 -1.75
N VAL B 107 6.31 21.52 -1.54
CA VAL B 107 6.96 21.26 -0.26
C VAL B 107 6.12 21.68 0.95
N SER B 108 5.34 22.75 0.78
CA SER B 108 4.50 23.23 1.87
C SER B 108 3.37 22.22 2.11
N THR B 109 2.64 21.87 1.06
CA THR B 109 1.54 20.91 1.14
C THR B 109 2.02 19.62 1.80
N LEU B 110 3.20 19.18 1.41
CA LEU B 110 3.79 17.98 1.97
C LEU B 110 4.01 18.21 3.45
N HIS B 111 4.49 19.40 3.79
CA HIS B 111 4.69 19.73 5.18
C HIS B 111 3.34 19.70 5.94
N GLY B 112 2.30 20.27 5.31
CA GLY B 112 0.98 20.32 5.89
C GLY B 112 0.43 18.96 6.24
N ILE B 113 0.46 18.06 5.27
CA ILE B 113 -0.01 16.72 5.49
C ILE B 113 0.80 15.97 6.55
N LEU B 114 2.13 16.02 6.43
CA LEU B 114 2.99 15.30 7.36
C LEU B 114 2.98 15.84 8.78
N SER B 115 2.44 17.05 8.95
CA SER B 115 2.39 17.69 10.26
C SER B 115 1.29 17.09 11.10
N GLN B 116 0.41 16.37 10.43
CA GLN B 116 -0.73 15.73 11.07
C GLN B 116 -0.50 14.23 11.29
N CYS B 117 0.71 13.76 11.00
CA CYS B 117 1.04 12.34 11.10
C CYS B 117 2.02 11.99 12.19
N SER B 118 1.68 10.97 12.98
CA SER B 118 2.55 10.49 14.05
C SER B 118 2.41 8.98 14.22
N LYS B 119 1.50 8.38 13.47
CA LYS B 119 1.26 6.94 13.57
C LYS B 119 1.74 6.20 12.34
N LEU B 120 2.68 6.77 11.59
CA LEU B 120 3.13 6.08 10.39
C LEU B 120 4.03 4.91 10.74
N GLN B 121 3.77 3.78 10.10
CA GLN B 121 4.58 2.59 10.33
C GLN B 121 5.41 2.30 9.07
N ASN B 122 4.82 2.63 7.94
CA ASN B 122 5.44 2.45 6.64
C ASN B 122 5.16 3.67 5.80
N LEU B 123 6.22 4.37 5.40
CA LEU B 123 6.09 5.57 4.60
C LEU B 123 7.08 5.58 3.43
N SER B 124 6.67 6.21 2.34
CA SER B 124 7.52 6.35 1.16
C SER B 124 7.32 7.70 0.50
N LEU B 125 8.34 8.55 0.59
CA LEU B 125 8.32 9.88 0.00
C LEU B 125 9.32 9.87 -1.16
N GLU B 126 9.63 8.68 -1.68
CA GLU B 126 10.60 8.52 -2.75
C GLU B 126 10.50 9.53 -3.90
N GLY B 127 11.61 10.21 -4.16
CA GLY B 127 11.70 11.18 -5.24
C GLY B 127 11.06 12.53 -4.98
N LEU B 128 10.79 12.81 -3.72
CA LEU B 128 10.16 14.07 -3.34
C LEU B 128 11.08 15.05 -2.68
N ARG B 129 10.87 16.32 -3.01
CA ARG B 129 11.63 17.40 -2.44
C ARG B 129 11.09 17.60 -1.02
N LEU B 130 11.96 17.54 -0.02
CA LEU B 130 11.49 17.73 1.34
C LEU B 130 12.04 19.05 1.88
N SER B 131 12.20 19.11 3.19
CA SER B 131 12.71 20.32 3.85
C SER B 131 13.02 19.94 5.28
N ASP B 132 13.75 20.79 6.00
CA ASP B 132 14.03 20.45 7.38
C ASP B 132 12.73 20.33 8.16
N PRO B 133 11.85 21.34 8.06
CA PRO B 133 10.57 21.26 8.78
C PRO B 133 9.91 19.90 8.57
N ILE B 134 9.84 19.51 7.31
CA ILE B 134 9.27 18.24 6.94
C ILE B 134 9.97 17.08 7.65
N VAL B 135 11.27 16.95 7.47
CA VAL B 135 11.98 15.84 8.12
C VAL B 135 11.82 15.89 9.63
N ASN B 136 11.68 17.10 10.17
CA ASN B 136 11.54 17.24 11.61
C ASN B 136 10.21 16.77 12.16
N THR B 137 9.12 17.00 11.43
CA THR B 137 7.82 16.55 11.91
C THR B 137 7.69 15.08 11.60
N LEU B 138 8.49 14.61 10.65
CA LEU B 138 8.47 13.20 10.35
C LEU B 138 8.91 12.50 11.63
N ALA B 139 9.89 13.08 12.29
CA ALA B 139 10.43 12.54 13.54
C ALA B 139 9.33 12.28 14.57
N LYS B 140 8.13 12.74 14.28
CA LYS B 140 7.00 12.51 15.18
C LYS B 140 6.62 11.03 15.10
N ASN B 141 6.88 10.42 13.95
CA ASN B 141 6.55 9.02 13.72
C ASN B 141 7.58 8.03 14.19
N SER B 142 7.85 8.08 15.49
CA SER B 142 8.85 7.25 16.14
C SER B 142 8.53 5.76 16.11
N ASN B 143 7.48 5.38 15.38
CA ASN B 143 7.11 3.97 15.30
C ASN B 143 7.42 3.38 13.94
N LEU B 144 7.92 4.20 13.03
CA LEU B 144 8.28 3.77 11.70
C LEU B 144 9.09 2.47 11.68
N VAL B 145 8.70 1.55 10.81
CA VAL B 145 9.40 0.28 10.67
C VAL B 145 10.07 0.29 9.27
N ARG B 146 9.41 0.96 8.32
CA ARG B 146 9.91 1.08 6.95
C ARG B 146 9.77 2.51 6.43
N LEU B 147 10.91 3.13 6.15
CA LEU B 147 10.97 4.49 5.64
C LEU B 147 11.79 4.55 4.35
N ASN B 148 11.18 5.07 3.29
CA ASN B 148 11.87 5.22 2.01
C ASN B 148 12.01 6.70 1.70
N LEU B 149 13.24 7.18 1.63
CA LEU B 149 13.49 8.58 1.31
C LEU B 149 14.41 8.64 0.10
N SER B 150 14.51 7.53 -0.62
CA SER B 150 15.37 7.46 -1.81
C SER B 150 15.04 8.57 -2.81
N GLY B 151 16.05 9.34 -3.19
CA GLY B 151 15.85 10.41 -4.15
C GLY B 151 15.33 11.69 -3.55
N CYS B 152 15.19 11.72 -2.24
CA CYS B 152 14.71 12.92 -1.60
C CYS B 152 15.84 13.92 -1.46
N SER B 153 15.48 15.17 -1.21
CA SER B 153 16.45 16.26 -1.07
C SER B 153 15.89 17.41 -0.24
N GLY B 154 16.68 18.46 -0.07
CA GLY B 154 16.22 19.60 0.68
C GLY B 154 16.31 19.59 2.20
N PHE B 155 17.05 18.65 2.79
CA PHE B 155 17.17 18.64 4.25
C PHE B 155 18.60 18.51 4.78
N SER B 156 18.88 19.26 5.84
CA SER B 156 20.18 19.29 6.50
C SER B 156 20.56 17.95 7.12
N GLU B 157 21.84 17.81 7.48
CA GLU B 157 22.28 16.58 8.12
C GLU B 157 21.79 16.66 9.57
N PHE B 158 21.40 17.85 10.00
CA PHE B 158 20.88 18.04 11.34
C PHE B 158 19.48 17.42 11.43
N ALA B 159 18.59 17.80 10.52
CA ALA B 159 17.24 17.26 10.52
C ALA B 159 17.29 15.74 10.35
N LEU B 160 18.20 15.27 9.52
CA LEU B 160 18.32 13.83 9.30
C LEU B 160 18.68 13.15 10.61
N GLN B 161 19.61 13.73 11.35
CA GLN B 161 19.99 13.08 12.60
C GLN B 161 18.84 12.93 13.56
N THR B 162 18.13 14.02 13.79
CA THR B 162 17.03 13.93 14.71
C THR B 162 16.00 12.90 14.25
N LEU B 163 15.70 12.84 12.95
CA LEU B 163 14.75 11.85 12.45
C LEU B 163 15.20 10.42 12.77
N LEU B 164 16.47 10.12 12.51
CA LEU B 164 17.01 8.79 12.76
C LEU B 164 17.11 8.47 14.26
N SER B 165 17.31 9.48 15.09
CA SER B 165 17.41 9.27 16.53
C SER B 165 16.03 8.98 17.09
N SER B 166 15.00 9.30 16.31
CA SER B 166 13.64 9.07 16.74
C SER B 166 13.18 7.66 16.36
N CYS B 167 13.49 7.26 15.12
CA CYS B 167 13.06 5.96 14.63
C CYS B 167 13.90 4.78 15.11
N SER B 168 13.79 4.47 16.40
CA SER B 168 14.57 3.41 17.00
C SER B 168 14.03 1.99 16.83
N ARG B 169 13.00 1.86 16.02
CA ARG B 169 12.38 0.57 15.75
C ARG B 169 12.37 0.43 14.24
N LEU B 170 13.31 1.11 13.60
CA LEU B 170 13.41 1.09 12.16
C LEU B 170 13.94 -0.26 11.69
N ASP B 171 13.23 -0.91 10.76
CA ASP B 171 13.66 -2.21 10.26
C ASP B 171 14.20 -2.12 8.83
N GLU B 172 13.53 -1.32 8.02
CA GLU B 172 13.91 -1.09 6.63
C GLU B 172 14.08 0.41 6.37
N LEU B 173 15.30 0.82 6.01
CA LEU B 173 15.56 2.23 5.71
C LEU B 173 16.20 2.37 4.32
N ASN B 174 15.55 3.12 3.43
CA ASN B 174 16.11 3.33 2.10
C ASN B 174 16.49 4.82 1.92
N LEU B 175 17.72 5.15 2.33
CA LEU B 175 18.21 6.51 2.24
C LEU B 175 19.20 6.62 1.06
N SER B 176 18.78 6.15 -0.11
CA SER B 176 19.62 6.16 -1.31
C SER B 176 19.38 7.26 -2.33
N TRP B 177 20.45 7.62 -3.04
CA TRP B 177 20.39 8.63 -4.07
C TRP B 177 19.78 9.94 -3.66
N CYS B 178 20.20 10.45 -2.51
CA CYS B 178 19.72 11.75 -2.07
C CYS B 178 20.81 12.70 -2.56
N PHE B 179 20.74 13.04 -3.85
CA PHE B 179 21.73 13.88 -4.49
C PHE B 179 22.19 15.13 -3.73
N ASP B 180 21.30 15.66 -2.92
CA ASP B 180 21.54 16.83 -2.09
C ASP B 180 22.65 16.57 -1.03
N PHE B 181 22.80 15.32 -0.62
CA PHE B 181 23.76 14.91 0.42
C PHE B 181 25.22 15.28 0.27
N THR B 182 25.90 15.29 1.41
CA THR B 182 27.33 15.57 1.50
C THR B 182 27.83 14.49 2.47
N GLU B 183 29.14 14.45 2.73
CA GLU B 183 29.64 13.44 3.66
C GLU B 183 29.06 13.67 5.05
N LYS B 184 28.56 14.88 5.29
CA LYS B 184 27.96 15.16 6.58
C LYS B 184 26.76 14.22 6.76
N HIS B 185 25.88 14.20 5.77
CA HIS B 185 24.68 13.36 5.79
C HIS B 185 25.01 11.87 5.95
N VAL B 186 25.96 11.40 5.13
CA VAL B 186 26.33 9.98 5.16
C VAL B 186 26.90 9.59 6.50
N GLN B 187 27.67 10.49 7.09
CA GLN B 187 28.27 10.21 8.37
C GLN B 187 27.23 10.19 9.46
N VAL B 188 26.20 11.01 9.29
CA VAL B 188 25.10 11.06 10.24
C VAL B 188 24.32 9.78 10.03
N ALA B 189 24.02 9.46 8.78
CA ALA B 189 23.29 8.23 8.45
C ALA B 189 23.85 7.03 9.21
N VAL B 190 25.06 6.60 8.90
CA VAL B 190 25.64 5.44 9.58
C VAL B 190 25.82 5.61 11.09
N ALA B 191 25.96 6.85 11.56
CA ALA B 191 26.15 7.06 12.99
C ALA B 191 24.86 7.09 13.80
N HIS B 192 23.73 7.28 13.14
CA HIS B 192 22.44 7.36 13.83
C HIS B 192 21.30 6.43 13.38
N VAL B 193 21.54 5.53 12.43
CA VAL B 193 20.47 4.62 12.03
C VAL B 193 20.25 3.75 13.25
N SER B 194 19.04 3.26 13.45
CA SER B 194 18.76 2.40 14.61
C SER B 194 19.50 1.06 14.49
N GLU B 195 20.08 0.58 15.58
CA GLU B 195 20.81 -0.68 15.54
C GLU B 195 19.90 -1.87 15.30
N THR B 196 18.61 -1.59 15.17
CA THR B 196 17.62 -2.64 14.95
C THR B 196 17.40 -2.85 13.46
N ILE B 197 18.00 -1.96 12.68
CA ILE B 197 17.87 -2.01 11.24
C ILE B 197 18.35 -3.35 10.67
N THR B 198 17.62 -3.89 9.69
CA THR B 198 18.07 -5.16 9.08
C THR B 198 18.19 -5.05 7.56
N GLN B 199 17.67 -3.95 7.04
CA GLN B 199 17.69 -3.64 5.60
C GLN B 199 18.07 -2.18 5.41
N LEU B 200 19.18 -1.94 4.72
CA LEU B 200 19.66 -0.59 4.48
C LEU B 200 20.13 -0.45 3.08
N ASN B 201 19.59 0.51 2.37
CA ASN B 201 20.04 0.75 1.01
C ASN B 201 20.63 2.15 1.06
N LEU B 202 21.94 2.24 1.21
CA LEU B 202 22.63 3.54 1.28
C LEU B 202 23.43 3.79 0.01
N SER B 203 22.93 3.32 -1.14
CA SER B 203 23.66 3.48 -2.41
C SER B 203 23.55 4.84 -3.10
N GLY B 204 24.55 5.13 -3.95
CA GLY B 204 24.53 6.38 -4.69
C GLY B 204 25.39 7.53 -4.21
N TYR B 205 26.12 7.36 -3.11
CA TYR B 205 26.94 8.45 -2.59
C TYR B 205 28.40 8.43 -3.02
N ARG B 206 28.70 7.59 -4.01
CA ARG B 206 30.03 7.46 -4.53
C ARG B 206 31.20 7.89 -3.66
N LYS B 207 31.38 9.20 -3.49
CA LYS B 207 32.80 9.58 -3.07
C LYS B 207 32.65 10.06 -1.67
N ASN B 208 31.40 10.29 -1.23
CA ASN B 208 31.14 10.74 0.14
C ASN B 208 31.02 9.62 1.17
N LEU B 209 31.05 8.37 0.72
CA LEU B 209 30.95 7.29 1.68
C LEU B 209 32.34 6.65 1.76
N GLN B 210 33.00 6.74 2.93
CA GLN B 210 34.33 6.18 3.09
C GLN B 210 34.27 4.79 3.67
N LYS B 211 35.39 4.08 3.58
CA LYS B 211 35.47 2.73 4.13
C LYS B 211 35.11 2.85 5.61
N SER B 212 35.60 3.92 6.22
CA SER B 212 35.36 4.18 7.64
C SER B 212 33.87 4.19 8.01
N ASP B 213 33.07 4.83 7.18
CA ASP B 213 31.65 4.89 7.42
C ASP B 213 31.10 3.47 7.37
N LEU B 214 31.65 2.65 6.48
CA LEU B 214 31.19 1.28 6.39
C LEU B 214 31.51 0.64 7.73
N SER B 215 32.69 0.99 8.24
CA SER B 215 33.18 0.48 9.53
C SER B 215 32.20 0.82 10.63
N THR B 216 31.91 2.12 10.76
CA THR B 216 30.96 2.59 11.75
C THR B 216 29.69 1.78 11.66
N LEU B 217 29.03 1.87 10.50
CA LEU B 217 27.79 1.16 10.26
C LEU B 217 27.84 -0.27 10.81
N VAL B 218 28.78 -1.05 10.30
CA VAL B 218 28.96 -2.43 10.73
C VAL B 218 29.12 -2.56 12.23
N ARG B 219 29.80 -1.58 12.80
CA ARG B 219 30.06 -1.58 14.22
C ARG B 219 28.76 -1.38 14.99
N ARG B 220 27.86 -0.58 14.40
CA ARG B 220 26.60 -0.24 15.04
C ARG B 220 25.35 -1.02 14.70
N CYS B 221 25.33 -1.76 13.60
CA CYS B 221 24.13 -2.49 13.20
C CYS B 221 24.41 -3.94 12.88
N PRO B 222 24.67 -4.74 13.92
CA PRO B 222 24.96 -6.17 13.75
C PRO B 222 23.85 -6.99 13.14
N ASN B 223 22.73 -6.37 12.82
CA ASN B 223 21.63 -7.14 12.30
C ASN B 223 21.31 -7.04 10.81
N LEU B 224 22.11 -6.27 10.09
CA LEU B 224 21.91 -6.13 8.67
C LEU B 224 21.69 -7.48 7.99
N VAL B 225 20.67 -7.57 7.17
CA VAL B 225 20.35 -8.79 6.44
C VAL B 225 20.44 -8.41 4.97
N HIS B 226 20.05 -7.17 4.69
CA HIS B 226 20.10 -6.56 3.36
C HIS B 226 20.99 -5.32 3.47
N LEU B 227 22.11 -5.31 2.77
CA LEU B 227 22.97 -4.13 2.78
C LEU B 227 23.29 -3.78 1.33
N ASP B 228 22.82 -2.63 0.89
CA ASP B 228 23.04 -2.23 -0.48
C ASP B 228 23.90 -0.99 -0.50
N LEU B 229 25.12 -1.16 -0.98
CA LEU B 229 26.05 -0.05 -1.06
C LEU B 229 26.49 0.21 -2.49
N SER B 230 25.56 -0.06 -3.42
CA SER B 230 25.82 0.16 -4.83
C SER B 230 26.35 1.57 -5.10
N ASP B 231 27.24 1.67 -6.08
CA ASP B 231 27.81 2.94 -6.46
C ASP B 231 28.64 3.60 -5.36
N SER B 232 29.41 2.79 -4.65
CA SER B 232 30.28 3.27 -3.57
C SER B 232 31.73 3.01 -4.01
N VAL B 233 32.24 3.87 -4.89
CA VAL B 233 33.61 3.75 -5.41
C VAL B 233 34.71 3.52 -4.39
N MET B 234 34.67 4.24 -3.28
CA MET B 234 35.69 4.10 -2.26
C MET B 234 35.78 2.69 -1.70
N LEU B 235 34.75 1.88 -1.95
CA LEU B 235 34.73 0.52 -1.43
C LEU B 235 35.42 -0.51 -2.31
N LYS B 236 36.61 -0.94 -1.89
CA LYS B 236 37.42 -1.93 -2.59
C LYS B 236 37.68 -3.06 -1.58
N ASN B 237 37.84 -4.25 -2.14
CA ASN B 237 38.05 -5.50 -1.41
C ASN B 237 38.66 -5.42 0.00
N ASP B 238 39.57 -4.48 0.22
CA ASP B 238 40.19 -4.37 1.51
C ASP B 238 39.17 -4.10 2.63
N CYS B 239 37.89 -3.99 2.26
CA CYS B 239 36.84 -3.74 3.24
C CYS B 239 35.97 -4.96 3.49
N PHE B 240 36.07 -5.94 2.60
CA PHE B 240 35.28 -7.16 2.71
C PHE B 240 35.28 -7.77 4.11
N GLN B 241 36.37 -7.54 4.85
CA GLN B 241 36.48 -8.06 6.20
C GLN B 241 35.29 -7.56 7.01
N GLU B 242 34.90 -6.31 6.77
CA GLU B 242 33.77 -5.72 7.47
C GLU B 242 32.51 -6.57 7.28
N PHE B 243 32.24 -6.96 6.04
CA PHE B 243 31.06 -7.75 5.74
C PHE B 243 30.97 -9.06 6.50
N PHE B 244 32.10 -9.58 6.94
CA PHE B 244 32.10 -10.82 7.69
C PHE B 244 31.60 -10.59 9.10
N GLN B 245 31.64 -9.32 9.52
CA GLN B 245 31.18 -8.93 10.85
C GLN B 245 29.67 -8.98 10.97
N LEU B 246 29.00 -9.05 9.84
CA LEU B 246 27.54 -9.11 9.80
C LEU B 246 27.15 -10.58 9.74
N ASN B 247 26.79 -11.14 10.89
CA ASN B 247 26.44 -12.55 10.95
C ASN B 247 25.11 -12.95 10.35
N TYR B 248 24.35 -11.98 9.84
CA TYR B 248 23.05 -12.29 9.26
C TYR B 248 22.92 -11.75 7.86
N LEU B 249 24.02 -11.20 7.35
CA LEU B 249 24.05 -10.64 6.01
C LEU B 249 23.58 -11.71 5.03
N GLN B 250 22.58 -11.36 4.22
CA GLN B 250 22.02 -12.30 3.25
C GLN B 250 22.02 -11.79 1.83
N HIS B 251 21.90 -10.47 1.69
CA HIS B 251 21.88 -9.86 0.38
C HIS B 251 22.72 -8.60 0.39
N LEU B 252 23.82 -8.66 -0.35
CA LEU B 252 24.78 -7.55 -0.45
C LEU B 252 24.82 -7.05 -1.88
N SER B 253 24.94 -5.75 -2.06
CA SER B 253 25.00 -5.18 -3.42
C SER B 253 26.14 -4.18 -3.50
N LEU B 254 27.08 -4.43 -4.41
CA LEU B 254 28.22 -3.54 -4.58
C LEU B 254 28.37 -3.14 -6.03
N SER B 255 27.28 -3.16 -6.77
CA SER B 255 27.32 -2.80 -8.17
C SER B 255 28.06 -1.49 -8.43
N ARG B 256 28.93 -1.49 -9.44
CA ARG B 256 29.70 -0.31 -9.81
C ARG B 256 30.74 0.17 -8.81
N CYS B 257 31.14 -0.71 -7.91
CA CYS B 257 32.19 -0.35 -6.98
C CYS B 257 33.38 -0.81 -7.79
N TYR B 258 33.71 0.03 -8.76
CA TYR B 258 34.77 -0.18 -9.74
C TYR B 258 36.11 -0.75 -9.32
N ASP B 259 36.69 -0.26 -8.22
CA ASP B 259 37.99 -0.77 -7.81
C ASP B 259 38.00 -2.10 -7.08
N ILE B 260 37.11 -3.00 -7.50
CA ILE B 260 37.04 -4.32 -6.91
C ILE B 260 37.56 -5.32 -7.95
N ILE B 261 38.65 -6.02 -7.62
CA ILE B 261 39.21 -7.00 -8.54
C ILE B 261 38.26 -8.19 -8.63
N PRO B 262 37.72 -8.48 -9.82
CA PRO B 262 36.79 -9.61 -9.96
C PRO B 262 37.20 -10.75 -9.06
N GLU B 263 38.46 -11.13 -9.16
CA GLU B 263 39.02 -12.23 -8.39
C GLU B 263 38.65 -12.21 -6.90
N THR B 264 38.78 -11.04 -6.30
CA THR B 264 38.52 -10.82 -4.88
C THR B 264 37.10 -11.11 -4.40
N LEU B 265 36.13 -10.91 -5.30
CA LEU B 265 34.73 -11.16 -4.96
C LEU B 265 34.61 -12.58 -4.46
N LEU B 266 35.59 -13.40 -4.81
CA LEU B 266 35.59 -14.79 -4.40
C LEU B 266 35.46 -14.91 -2.88
N GLU B 267 36.06 -13.96 -2.15
CA GLU B 267 36.02 -13.98 -0.66
C GLU B 267 34.61 -14.00 -0.11
N LEU B 268 33.78 -13.11 -0.63
CA LEU B 268 32.42 -12.98 -0.19
C LEU B 268 31.74 -14.34 -0.16
N GLY B 269 32.09 -15.19 -1.13
CA GLY B 269 31.51 -16.51 -1.17
C GLY B 269 31.65 -17.19 0.18
N GLU B 270 32.65 -16.78 0.96
CA GLU B 270 32.92 -17.34 2.27
C GLU B 270 31.99 -16.90 3.40
N ILE B 271 31.20 -15.86 3.17
CA ILE B 271 30.26 -15.37 4.17
C ILE B 271 29.17 -16.44 4.29
N PRO B 272 29.22 -17.22 5.37
CA PRO B 272 28.29 -18.32 5.68
C PRO B 272 26.82 -18.10 5.36
N THR B 273 26.34 -16.88 5.53
CA THR B 273 24.94 -16.56 5.31
C THR B 273 24.56 -15.92 3.97
N LEU B 274 25.55 -15.38 3.26
CA LEU B 274 25.28 -14.73 1.98
C LEU B 274 24.50 -15.60 0.98
N LYS B 275 23.37 -15.09 0.53
CA LYS B 275 22.54 -15.83 -0.42
C LYS B 275 22.53 -15.24 -1.83
N THR B 276 22.66 -13.92 -1.92
CA THR B 276 22.67 -13.26 -3.22
C THR B 276 23.63 -12.09 -3.20
N LEU B 277 24.15 -11.75 -4.37
CA LEU B 277 25.11 -10.66 -4.50
C LEU B 277 24.89 -9.97 -5.83
N GLN B 278 24.84 -8.65 -5.82
CA GLN B 278 24.65 -7.89 -7.03
C GLN B 278 25.95 -7.15 -7.23
N VAL B 279 26.56 -7.35 -8.39
CA VAL B 279 27.83 -6.69 -8.71
C VAL B 279 27.82 -6.22 -10.15
N PHE B 280 26.75 -5.56 -10.57
CA PHE B 280 26.67 -5.07 -11.94
C PHE B 280 27.76 -4.05 -12.24
N GLY B 281 28.29 -4.11 -13.45
CA GLY B 281 29.30 -3.16 -13.86
C GLY B 281 30.74 -3.33 -13.41
N ILE B 282 31.07 -4.43 -12.74
CA ILE B 282 32.46 -4.62 -12.32
C ILE B 282 33.00 -5.96 -12.79
N VAL B 283 32.18 -6.69 -13.53
CA VAL B 283 32.56 -7.97 -14.08
C VAL B 283 32.85 -7.81 -15.57
N PRO B 284 34.13 -7.88 -15.97
CA PRO B 284 34.48 -7.73 -17.39
C PRO B 284 33.62 -8.64 -18.26
N ASP B 285 33.22 -8.17 -19.42
CA ASP B 285 32.37 -8.98 -20.28
C ASP B 285 32.97 -10.34 -20.63
N GLY B 286 32.14 -11.38 -20.57
CA GLY B 286 32.62 -12.71 -20.90
C GLY B 286 33.26 -13.43 -19.73
N THR B 287 32.94 -13.02 -18.51
CA THR B 287 33.51 -13.66 -17.34
C THR B 287 32.48 -13.85 -16.25
N LEU B 288 31.36 -13.14 -16.38
CA LEU B 288 30.31 -13.23 -15.38
C LEU B 288 29.95 -14.69 -15.12
N GLN B 289 29.87 -15.48 -16.18
CA GLN B 289 29.52 -16.87 -16.01
C GLN B 289 30.59 -17.63 -15.22
N LEU B 290 31.81 -17.11 -15.22
CA LEU B 290 32.91 -17.72 -14.47
C LEU B 290 32.67 -17.46 -13.00
N LEU B 291 32.42 -16.20 -12.68
CA LEU B 291 32.12 -15.81 -11.31
C LEU B 291 30.96 -16.66 -10.81
N LYS B 292 29.87 -16.68 -11.58
CA LYS B 292 28.70 -17.44 -11.22
C LYS B 292 29.07 -18.88 -10.91
N GLU B 293 29.80 -19.53 -11.82
CA GLU B 293 30.19 -20.92 -11.60
C GLU B 293 31.10 -21.13 -10.40
N ALA B 294 31.95 -20.15 -10.12
CA ALA B 294 32.88 -20.25 -9.01
C ALA B 294 32.15 -20.18 -7.66
N LEU B 295 31.04 -19.45 -7.64
CA LEU B 295 30.25 -19.30 -6.43
C LEU B 295 28.84 -19.86 -6.69
N PRO B 296 28.75 -21.18 -6.91
CA PRO B 296 27.48 -21.85 -7.19
C PRO B 296 26.40 -21.67 -6.11
N HIS B 297 26.83 -21.47 -4.87
CA HIS B 297 25.89 -21.30 -3.78
C HIS B 297 25.27 -19.90 -3.72
N LEU B 298 25.83 -18.96 -4.49
CA LEU B 298 25.27 -17.62 -4.50
C LEU B 298 24.47 -17.36 -5.76
N GLN B 299 23.70 -16.28 -5.74
CA GLN B 299 22.91 -15.86 -6.90
C GLN B 299 23.49 -14.52 -7.27
N ILE B 300 24.14 -14.45 -8.43
CA ILE B 300 24.77 -13.21 -8.80
C ILE B 300 24.08 -12.42 -9.91
N ASN B 301 23.94 -11.12 -9.64
CA ASN B 301 23.31 -10.19 -10.56
C ASN B 301 21.95 -10.66 -11.04
N CYS B 302 21.06 -10.90 -10.10
CA CYS B 302 19.72 -11.33 -10.43
C CYS B 302 18.66 -10.38 -9.94
N SER B 303 19.10 -9.32 -9.24
CA SER B 303 18.18 -8.34 -8.71
C SER B 303 18.55 -6.96 -9.21
N HIS B 304 18.03 -6.62 -10.37
CA HIS B 304 18.29 -5.32 -10.95
C HIS B 304 17.78 -4.23 -9.99
N PHE B 305 16.62 -4.49 -9.37
CA PHE B 305 16.04 -3.49 -8.50
C PHE B 305 16.07 -3.77 -7.02
N THR B 306 15.87 -2.72 -6.24
CA THR B 306 15.86 -2.81 -4.78
C THR B 306 14.43 -2.97 -4.26
N THR B 307 14.28 -3.68 -3.14
CA THR B 307 12.96 -3.86 -2.55
C THR B 307 12.93 -3.23 -1.18
N ILE B 308 14.06 -2.66 -0.75
CA ILE B 308 14.11 -2.07 0.57
C ILE B 308 13.17 -0.89 0.75
N ALA B 309 12.23 -1.04 1.66
CA ALA B 309 11.25 0.00 1.96
C ALA B 309 10.47 0.43 0.70
N ARG B 310 10.22 -0.51 -0.19
CA ARG B 310 9.47 -0.20 -1.39
C ARG B 310 8.07 -0.72 -1.12
N PRO B 311 7.08 0.18 -1.08
CA PRO B 311 5.69 -0.20 -0.81
C PRO B 311 5.12 -1.30 -1.69
N THR B 312 5.43 -1.22 -2.98
CA THR B 312 4.91 -2.16 -3.95
C THR B 312 5.99 -2.65 -4.89
N ILE B 313 6.70 -3.70 -4.54
CA ILE B 313 7.73 -4.22 -5.43
C ILE B 313 7.00 -4.76 -6.64
N GLY B 314 5.77 -5.18 -6.39
CA GLY B 314 4.92 -5.67 -7.45
C GLY B 314 5.48 -6.62 -8.48
N ASN B 315 4.84 -7.77 -8.52
CA ASN B 315 5.17 -8.81 -9.47
C ASN B 315 4.16 -8.57 -10.59
N LYS B 316 4.25 -7.39 -11.20
CA LYS B 316 3.35 -7.01 -12.28
C LYS B 316 1.94 -6.84 -11.70
N LYS B 317 1.45 -5.60 -11.61
CA LYS B 317 0.11 -5.32 -11.10
C LYS B 317 -0.16 -5.64 -9.63
N ASN B 318 0.82 -5.42 -8.76
CA ASN B 318 0.57 -5.66 -7.33
C ASN B 318 0.02 -4.30 -6.91
N GLN B 319 -1.28 -4.24 -6.67
CA GLN B 319 -1.90 -2.98 -6.26
C GLN B 319 -1.89 -2.82 -4.75
N GLU B 320 -1.10 -3.64 -4.07
CA GLU B 320 -1.04 -3.57 -2.62
C GLU B 320 0.15 -2.76 -2.14
N ILE B 321 -0.03 -2.07 -1.02
CA ILE B 321 1.08 -1.35 -0.45
C ILE B 321 1.41 -2.08 0.83
N TRP B 322 2.63 -2.59 0.89
CA TRP B 322 3.11 -3.36 2.02
C TRP B 322 2.14 -4.46 2.41
N GLY B 323 1.67 -5.19 1.39
CA GLY B 323 0.77 -6.29 1.62
C GLY B 323 -0.66 -5.90 1.92
N ILE B 324 -0.95 -4.61 1.87
CA ILE B 324 -2.31 -4.18 2.13
C ILE B 324 -2.99 -3.84 0.82
N LYS B 325 -4.07 -4.55 0.53
CA LYS B 325 -4.86 -4.32 -0.67
C LYS B 325 -5.89 -3.27 -0.30
N CYS B 326 -6.00 -2.21 -1.07
CA CYS B 326 -6.96 -1.17 -0.72
C CYS B 326 -8.34 -1.46 -1.31
N ARG B 327 -9.38 -1.23 -0.51
CA ARG B 327 -10.74 -1.47 -0.97
C ARG B 327 -11.26 -0.32 -1.82
N LEU B 328 -10.90 0.90 -1.47
CA LEU B 328 -11.35 2.05 -2.24
C LEU B 328 -10.32 2.48 -3.26
N THR B 329 -10.69 2.39 -4.53
CA THR B 329 -9.81 2.77 -5.63
C THR B 329 -10.62 3.25 -6.82
N LEU B 330 -9.95 3.97 -7.73
CA LEU B 330 -10.61 4.48 -8.91
C LEU B 330 -10.23 3.60 -10.11
N GLN B 331 -10.95 2.48 -10.25
CA GLN B 331 -10.72 1.54 -11.33
C GLN B 331 -9.32 0.90 -11.28
N GLN C 1 21.40 -1.16 -29.86
CA GLN C 1 20.12 -1.59 -29.21
C GLN C 1 19.41 -0.50 -28.40
N ILE C 2 20.08 0.07 -27.40
CA ILE C 2 19.44 1.10 -26.60
C ILE C 2 19.56 2.47 -27.23
N TYR C 3 18.42 3.04 -27.62
CA TYR C 3 18.40 4.35 -28.25
C TYR C 3 18.38 5.49 -27.23
N TYR C 4 19.24 6.47 -27.43
CA TYR C 4 19.32 7.62 -26.54
C TYR C 4 18.93 8.84 -27.36
N SER C 5 17.97 9.62 -26.86
CA SER C 5 17.48 10.80 -27.56
C SER C 5 18.38 12.00 -27.33
N ASP C 6 18.00 13.10 -27.98
CA ASP C 6 18.72 14.36 -27.85
C ASP C 6 18.24 15.04 -26.58
N LYS C 7 19.07 15.90 -26.00
CA LYS C 7 18.68 16.59 -24.78
C LYS C 7 18.17 18.00 -25.08
N TYR C 8 16.96 18.30 -24.62
CA TYR C 8 16.39 19.63 -24.79
C TYR C 8 16.10 20.14 -23.39
N ASP C 9 15.62 21.37 -23.26
CA ASP C 9 15.35 21.86 -21.93
C ASP C 9 14.46 23.08 -21.84
N ASP C 10 13.99 23.35 -20.62
CA ASP C 10 13.21 24.54 -20.36
C ASP C 10 14.23 25.46 -19.70
N GLU C 11 13.82 26.25 -18.73
CA GLU C 11 14.74 27.16 -18.09
C GLU C 11 15.20 26.58 -16.75
N GLU C 12 14.97 25.29 -16.57
CA GLU C 12 15.28 24.67 -15.28
C GLU C 12 15.76 23.22 -15.32
N PHE C 13 15.17 22.42 -16.19
CA PHE C 13 15.53 21.02 -16.31
C PHE C 13 16.05 20.66 -17.69
N GLU C 14 16.82 19.58 -17.75
CA GLU C 14 17.37 19.07 -18.99
C GLU C 14 16.57 17.79 -19.20
N TYR C 15 16.13 17.50 -20.42
CA TYR C 15 15.33 16.30 -20.61
C TYR C 15 15.86 15.37 -21.68
N ARG C 16 15.40 14.12 -21.62
CA ARG C 16 15.79 13.11 -22.60
C ARG C 16 15.00 11.83 -22.38
N HIS C 17 14.75 11.07 -23.44
CA HIS C 17 14.08 9.79 -23.26
C HIS C 17 15.03 8.71 -23.79
N VAL C 18 14.83 7.48 -23.35
CA VAL C 18 15.66 6.38 -23.79
C VAL C 18 14.80 5.24 -24.28
N MET C 19 14.93 4.91 -25.57
CA MET C 19 14.18 3.79 -26.09
C MET C 19 14.88 2.47 -25.72
N LEU C 20 14.09 1.49 -25.28
CA LEU C 20 14.69 0.25 -24.86
C LEU C 20 14.36 -0.90 -25.77
N PRO C 21 15.34 -1.78 -26.03
CA PRO C 21 15.09 -2.93 -26.90
C PRO C 21 13.98 -3.70 -26.21
N LYS C 22 12.95 -4.04 -26.94
CA LYS C 22 11.86 -4.74 -26.31
C LYS C 22 12.19 -6.17 -25.91
N ASP C 23 13.13 -6.28 -24.98
CA ASP C 23 13.60 -7.55 -24.40
C ASP C 23 14.17 -7.22 -23.01
N ILE C 24 14.69 -6.00 -22.86
CA ILE C 24 15.20 -5.57 -21.57
C ILE C 24 14.14 -4.60 -21.09
N ALA C 25 13.26 -4.21 -22.01
CA ALA C 25 12.18 -3.31 -21.67
C ALA C 25 11.17 -4.09 -20.86
N LYS C 26 11.17 -5.41 -21.03
CA LYS C 26 10.24 -6.24 -20.27
C LYS C 26 10.65 -6.30 -18.80
N LEU C 27 11.79 -5.70 -18.46
CA LEU C 27 12.27 -5.67 -17.09
C LEU C 27 11.83 -4.40 -16.38
N VAL C 28 11.46 -3.39 -17.14
CA VAL C 28 11.05 -2.12 -16.60
C VAL C 28 9.92 -2.24 -15.60
N PRO C 29 10.14 -1.71 -14.38
CA PRO C 29 9.16 -1.74 -13.30
C PRO C 29 7.89 -0.98 -13.62
N LYS C 30 6.75 -1.61 -13.37
CA LYS C 30 5.45 -1.00 -13.59
C LYS C 30 5.00 -0.30 -12.30
N THR C 31 5.35 -0.90 -11.17
CA THR C 31 4.96 -0.40 -9.85
C THR C 31 5.79 0.68 -9.16
N HIS C 32 6.88 1.11 -9.78
CA HIS C 32 7.72 2.18 -9.21
C HIS C 32 8.73 2.70 -10.22
N LEU C 33 9.51 3.70 -9.83
CA LEU C 33 10.52 4.25 -10.71
C LEU C 33 11.92 3.78 -10.31
N MET C 34 12.86 3.89 -11.23
CA MET C 34 14.20 3.41 -10.96
C MET C 34 15.16 4.48 -10.51
N SER C 35 16.02 4.13 -9.56
CA SER C 35 17.03 5.05 -9.07
C SER C 35 18.19 4.93 -10.04
N GLU C 36 19.18 5.80 -9.93
CA GLU C 36 20.31 5.71 -10.85
C GLU C 36 20.92 4.29 -10.78
N SER C 37 21.00 3.73 -9.58
CA SER C 37 21.53 2.37 -9.42
C SER C 37 20.71 1.38 -10.22
N GLU C 38 19.40 1.52 -10.17
CA GLU C 38 18.53 0.60 -10.87
C GLU C 38 18.56 0.73 -12.39
N TRP C 39 18.49 1.93 -12.95
CA TRP C 39 18.53 1.99 -14.41
C TRP C 39 19.90 1.62 -14.98
N ARG C 40 20.95 1.88 -14.21
CA ARG C 40 22.28 1.50 -14.67
C ARG C 40 22.33 -0.01 -14.70
N ASN C 41 21.72 -0.64 -13.70
CA ASN C 41 21.65 -2.10 -13.61
C ASN C 41 20.90 -2.63 -14.83
N LEU C 42 19.99 -1.82 -15.36
CA LEU C 42 19.23 -2.22 -16.53
C LEU C 42 20.13 -2.19 -17.76
N GLY C 43 21.12 -1.30 -17.77
CA GLY C 43 22.01 -1.22 -18.91
C GLY C 43 22.00 0.15 -19.53
N VAL C 44 21.19 1.04 -18.96
CA VAL C 44 21.13 2.39 -19.48
C VAL C 44 22.46 3.05 -19.13
N GLN C 45 23.10 3.66 -20.12
CA GLN C 45 24.39 4.32 -19.92
C GLN C 45 24.36 5.78 -20.35
N GLN C 46 24.34 6.66 -19.37
CA GLN C 46 24.34 8.10 -19.62
C GLN C 46 24.99 8.77 -18.42
N SER C 47 25.23 10.06 -18.52
CA SER C 47 25.88 10.80 -17.45
C SER C 47 25.24 10.54 -16.10
N GLN C 48 25.95 10.96 -15.05
CA GLN C 48 25.45 10.81 -13.69
C GLN C 48 24.42 11.92 -13.52
N GLY C 49 23.64 11.86 -12.44
CA GLY C 49 22.65 12.90 -12.20
C GLY C 49 21.29 12.80 -12.83
N TRP C 50 21.15 12.01 -13.90
CA TRP C 50 19.85 11.88 -14.54
C TRP C 50 18.90 11.11 -13.62
N VAL C 51 17.69 11.65 -13.47
CA VAL C 51 16.68 11.01 -12.63
C VAL C 51 15.48 10.53 -13.45
N HIS C 52 15.07 9.29 -13.21
CA HIS C 52 13.91 8.68 -13.87
C HIS C 52 12.77 9.29 -13.05
N TYR C 53 12.11 10.31 -13.59
CA TYR C 53 11.09 11.00 -12.81
C TYR C 53 9.63 10.69 -13.02
N MET C 54 9.28 10.01 -14.11
CA MET C 54 7.87 9.70 -14.34
C MET C 54 7.69 8.60 -15.38
N ILE C 55 6.55 7.93 -15.32
CA ILE C 55 6.26 6.83 -16.24
C ILE C 55 5.35 7.20 -17.40
N HIS C 56 5.76 6.87 -18.60
CA HIS C 56 4.96 7.15 -19.79
C HIS C 56 4.22 5.82 -20.06
N GLU C 57 3.06 5.67 -19.42
CA GLU C 57 2.25 4.44 -19.48
C GLU C 57 1.93 3.88 -20.86
N PRO C 58 1.78 4.76 -21.87
CA PRO C 58 1.47 4.30 -23.23
C PRO C 58 2.62 3.56 -23.93
N GLU C 59 3.84 3.83 -23.50
CA GLU C 59 5.01 3.20 -24.09
C GLU C 59 6.02 2.92 -22.97
N PRO C 60 5.82 1.83 -22.22
CA PRO C 60 6.68 1.43 -21.11
C PRO C 60 8.16 1.27 -21.46
N HIS C 61 8.46 1.20 -22.75
CA HIS C 61 9.84 1.04 -23.21
C HIS C 61 10.53 2.38 -23.44
N ILE C 62 9.82 3.47 -23.21
CA ILE C 62 10.41 4.79 -23.35
C ILE C 62 10.59 5.27 -21.90
N LEU C 63 11.83 5.43 -21.47
CA LEU C 63 12.09 5.91 -20.12
C LEU C 63 12.32 7.39 -20.21
N LEU C 64 11.59 8.16 -19.40
CA LEU C 64 11.73 9.61 -19.40
C LEU C 64 12.72 10.03 -18.32
N PHE C 65 13.71 10.82 -18.70
CA PHE C 65 14.71 11.28 -17.73
C PHE C 65 14.78 12.79 -17.66
N ARG C 66 15.35 13.30 -16.58
CA ARG C 66 15.49 14.73 -16.41
C ARG C 66 16.52 14.99 -15.33
N ARG C 67 17.04 16.22 -15.31
CA ARG C 67 18.01 16.61 -14.30
C ARG C 67 18.21 18.12 -14.28
N PRO C 68 18.53 18.66 -13.08
CA PRO C 68 18.75 20.08 -12.87
C PRO C 68 19.83 20.68 -13.77
N LEU C 69 19.53 21.84 -14.34
CA LEU C 69 20.45 22.56 -15.21
C LEU C 69 21.47 23.27 -14.35
P PO4 D . 5.21 21.54 12.57
O1 PO4 D . 4.51 20.80 11.51
O2 PO4 D . 5.64 20.61 13.64
O3 PO4 D . 4.30 22.57 13.14
O4 PO4 D . 6.42 22.22 12.00
P PO4 E . 13.47 8.04 -8.27
O1 PO4 E . 13.05 8.00 -9.70
O2 PO4 E . 14.75 7.31 -8.11
O3 PO4 E . 12.43 7.39 -7.43
O4 PO4 E . 13.65 9.45 -7.85
C1 BEN F . 11.15 11.73 19.23
C2 BEN F . 11.22 12.83 18.33
C3 BEN F . 12.44 13.43 17.99
C4 BEN F . 13.65 12.97 18.53
C5 BEN F . 13.57 11.88 19.43
C6 BEN F . 12.38 11.31 19.74
C BEN F . 9.88 11.15 19.54
N1 BEN F . 8.72 11.58 19.02
N2 BEN F . 9.79 10.10 20.39
P PO4 G . 24.81 12.21 -21.73
O1 PO4 G . 25.09 12.19 -23.19
O2 PO4 G . 25.16 10.90 -21.14
O3 PO4 G . 23.38 12.50 -21.51
O4 PO4 G . 25.62 13.28 -21.10
C1 BEN H . 5.92 14.92 -13.22
C2 BEN H . 5.75 15.80 -14.33
C3 BEN H . 4.85 15.53 -15.36
C4 BEN H . 4.06 14.37 -15.36
C5 BEN H . 4.23 13.49 -14.27
C6 BEN H . 5.11 13.77 -13.27
C BEN H . 6.85 15.23 -12.18
N1 BEN H . 7.35 16.45 -11.96
N2 BEN H . 7.29 14.27 -11.30
#